data_3B9A
#
_entry.id   3B9A
#
_cell.length_a   63.704
_cell.length_b   83.323
_cell.length_c   106.565
_cell.angle_alpha   90.00
_cell.angle_beta   90.00
_cell.angle_gamma   90.00
#
_symmetry.space_group_name_H-M   'P 21 21 21'
#
loop_
_entity.id
_entity.type
_entity.pdbx_description
1 polymer 'Chitinase A'
2 branched 2-acetamido-2-deoxy-beta-D-glucopyranose-(1-4)-2-acetamido-2-deoxy-beta-D-glucopyranose-(1-4)-2-acetamido-2-deoxy-beta-D-glucopyranose-(1-4)-2-acetamido-2-deoxy-beta-D-glucopyranose-(1-4)-2-acetamido-2-deoxy-beta-D-glucopyranose-(1-4)-2-acetamido-2-deoxy-beta-D-glucopyranose
3 water water
#
_entity_poly.entity_id   1
_entity_poly.type   'polypeptide(L)'
_entity_poly.pdbx_seq_one_letter_code
;APTAPSIDMYGSNNLQFSKIELAMETTSGYNDMVKYHELAKIKVKFNQWSGTSGDTYNVYFDGVKVATGAITGSQTTASF
EYGQGGLYQMEIEACDATGCSKSAPVEITIADTDGSHLKPLTMNVDPNNKSYNTDPSIVMGTYFVEWGIYGRDYTVDNMP
VDNLTHILYGFIPICGPNESVKSVGGNSFNALQTACRGVNDYEVVIHDPWAAYQKSFPQAGHEYSTPIKGNYAMLMALKQ
RNPDLKIIPSIGGWTLSDPFYDFVDKKNRDTFVASVKKFLKTWKFYDGVDIDWMFPGGGGAAADKGDPVNDGPAYIALMR
ELRVMLDELEAETGRTYELTSAIGVGYDKIEDVDYADAVQYMDYIFAMTYDFYGGWNNVPGHQTALYCGSFMRPGQCDGG
GVDENGEPYKGPAYTADNGIQLLLAQGVPANKLVLGTAMYGRGWEGVTPDTLTDPNDPMTGTATGKLKGSTAQGVWEDGV
IDYKGIKSFMLGANNTGINGFEYGYDAQAEAPWVWNRSTGELITFDDHRSVLAKGNYAKSLGLAGLFSWEIDADNGDILN
AMHEGMAGGVVTPPNRRSHHHHHH
;
_entity_poly.pdbx_strand_id   A
#
# COMPACT_ATOMS: atom_id res chain seq x y z
N ALA A 1 -9.68 54.82 15.70
CA ALA A 1 -8.47 54.17 15.11
C ALA A 1 -7.52 53.69 16.20
N PRO A 2 -7.71 52.45 16.70
CA PRO A 2 -6.81 51.87 17.69
C PRO A 2 -5.46 51.47 17.08
N THR A 3 -4.48 51.20 17.93
CA THR A 3 -3.19 50.68 17.49
C THR A 3 -3.41 49.32 16.82
N ALA A 4 -2.77 49.14 15.67
CA ALA A 4 -2.85 47.86 14.96
C ALA A 4 -2.22 46.75 15.80
N PRO A 5 -2.93 45.62 15.95
CA PRO A 5 -2.42 44.46 16.68
C PRO A 5 -1.07 43.99 16.15
N SER A 6 -0.17 43.63 17.06
CA SER A 6 1.11 43.04 16.70
C SER A 6 1.17 41.60 17.21
N ILE A 7 1.28 40.65 16.29
CA ILE A 7 1.26 39.23 16.61
C ILE A 7 2.45 38.81 17.47
N ASP A 8 2.16 38.19 18.61
CA ASP A 8 3.16 37.59 19.46
C ASP A 8 3.41 36.16 18.96
N MET A 9 4.49 36.00 18.19
CA MET A 9 4.79 34.72 17.55
C MET A 9 5.02 33.58 18.54
N TYR A 10 5.83 33.83 19.56
CA TYR A 10 6.13 32.85 20.58
C TYR A 10 4.87 32.44 21.36
N GLY A 11 4.04 33.42 21.69
CA GLY A 11 2.80 33.17 22.42
C GLY A 11 1.71 32.53 21.58
N SER A 12 1.94 32.44 20.27
CA SER A 12 0.98 31.87 19.34
C SER A 12 1.50 30.56 18.72
N ASN A 13 2.41 29.90 19.44
CA ASN A 13 3.06 28.66 18.99
C ASN A 13 3.67 28.76 17.58
N ASN A 14 4.26 29.92 17.28
CA ASN A 14 4.84 30.23 15.96
C ASN A 14 3.81 30.07 14.83
N LEU A 15 2.53 30.23 15.18
CA LEU A 15 1.39 30.04 14.27
C LEU A 15 1.34 28.65 13.63
N GLN A 16 1.79 27.64 14.37
CA GLN A 16 1.75 26.25 13.93
C GLN A 16 0.73 25.48 14.74
N PHE A 17 -0.32 25.02 14.07
CA PHE A 17 -1.39 24.26 14.71
C PHE A 17 -1.67 22.97 13.94
N SER A 18 -2.33 22.02 14.60
CA SER A 18 -2.60 20.72 13.98
C SER A 18 -3.91 20.12 14.48
N LYS A 19 -4.63 19.48 13.57
CA LYS A 19 -5.86 18.75 13.90
C LYS A 19 -5.53 17.37 14.48
N ILE A 20 -4.27 16.96 14.36
CA ILE A 20 -3.84 15.65 14.87
C ILE A 20 -2.68 15.77 15.84
N GLU A 21 -2.78 15.05 16.96
CA GLU A 21 -1.70 14.92 17.92
C GLU A 21 -1.08 13.54 17.75
N LEU A 22 0.23 13.52 17.51
CA LEU A 22 0.95 12.27 17.31
C LEU A 22 2.17 12.20 18.23
N ALA A 23 2.23 11.14 19.04
CA ALA A 23 3.39 10.90 19.91
C ALA A 23 4.62 10.63 19.03
N MET A 24 5.70 11.34 19.30
CA MET A 24 6.91 11.28 18.47
C MET A 24 8.11 10.63 19.16
N GLU A 25 8.10 10.63 20.49
CA GLU A 25 9.29 10.22 21.26
C GLU A 25 9.02 8.99 22.13
N THR A 26 7.80 8.47 22.04
CA THR A 26 7.38 7.31 22.81
C THR A 26 6.68 6.31 21.88
N THR A 27 6.50 5.09 22.39
CA THR A 27 5.74 4.05 21.70
C THR A 27 4.76 3.42 22.68
N SER A 28 3.49 3.44 22.33
CA SER A 28 2.43 2.82 23.15
C SER A 28 1.27 2.38 22.27
N GLY A 29 0.09 2.20 22.87
CA GLY A 29 -1.11 1.81 22.15
C GLY A 29 -1.56 2.85 21.14
N TYR A 30 -2.22 2.38 20.07
CA TYR A 30 -2.65 3.24 18.97
C TYR A 30 -3.49 4.44 19.41
N ASN A 31 -4.47 4.19 20.28
CA ASN A 31 -5.35 5.25 20.78
C ASN A 31 -4.66 6.20 21.75
N ASP A 32 -3.56 5.75 22.35
CA ASP A 32 -2.73 6.58 23.21
C ASP A 32 -1.83 7.49 22.36
N MET A 33 -1.28 6.93 21.28
CA MET A 33 -0.36 7.69 20.41
C MET A 33 -1.04 8.66 19.44
N VAL A 34 -2.22 8.29 18.95
CA VAL A 34 -2.91 9.04 17.90
C VAL A 34 -4.20 9.68 18.41
N LYS A 35 -4.27 11.01 18.34
CA LYS A 35 -5.47 11.75 18.72
C LYS A 35 -5.89 12.70 17.60
N TYR A 36 -7.01 12.39 16.97
CA TYR A 36 -7.53 13.24 15.90
C TYR A 36 -8.69 14.10 16.37
N HIS A 37 -8.67 15.37 15.96
CA HIS A 37 -9.69 16.34 16.32
C HIS A 37 -10.33 16.92 15.07
N GLU A 38 -11.66 16.92 15.04
CA GLU A 38 -12.41 17.49 13.91
C GLU A 38 -12.18 18.99 13.76
N LEU A 39 -11.89 19.65 14.88
CA LEU A 39 -11.57 21.07 14.90
C LEU A 39 -10.25 21.29 15.62
N ALA A 40 -9.33 22.00 14.96
CA ALA A 40 -8.07 22.39 15.59
C ALA A 40 -8.32 23.54 16.55
N LYS A 41 -7.75 23.45 17.74
CA LYS A 41 -7.80 24.53 18.70
C LYS A 41 -6.74 25.56 18.33
N ILE A 42 -7.19 26.75 17.93
CA ILE A 42 -6.28 27.84 17.57
C ILE A 42 -6.18 28.81 18.73
N LYS A 43 -4.94 29.22 19.03
CA LYS A 43 -4.66 30.18 20.11
C LYS A 43 -3.61 31.17 19.63
N VAL A 44 -4.05 32.40 19.36
CA VAL A 44 -3.16 33.45 18.89
C VAL A 44 -3.09 34.61 19.88
N LYS A 45 -1.87 35.00 20.23
CA LYS A 45 -1.64 36.14 21.12
C LYS A 45 -1.14 37.35 20.33
N PHE A 46 -1.70 38.53 20.64
CA PHE A 46 -1.22 39.77 20.04
C PHE A 46 -1.05 40.91 21.05
N ASN A 47 -0.20 41.86 20.70
CA ASN A 47 0.17 42.97 21.58
C ASN A 47 -0.20 44.34 21.01
N GLN A 48 -0.51 45.27 21.91
CA GLN A 48 -0.77 46.66 21.59
C GLN A 48 -0.19 47.54 22.69
N TRP A 49 1.15 47.56 22.78
CA TRP A 49 1.85 48.21 23.90
C TRP A 49 1.82 49.74 23.88
N SER A 50 1.64 50.33 22.70
CA SER A 50 1.55 51.78 22.55
C SER A 50 0.17 52.19 22.04
N GLY A 51 -0.21 53.43 22.32
CA GLY A 51 -1.50 53.98 21.89
C GLY A 51 -2.69 53.32 22.57
N THR A 52 -3.84 53.33 21.88
CA THR A 52 -5.05 52.71 22.40
C THR A 52 -5.26 51.31 21.82
N SER A 53 -5.84 50.42 22.62
CA SER A 53 -6.02 49.02 22.24
C SER A 53 -7.36 48.74 21.55
N GLY A 54 -8.36 49.57 21.82
CA GLY A 54 -9.70 49.37 21.26
C GLY A 54 -10.55 48.44 22.11
N ASP A 55 -11.74 48.11 21.61
CA ASP A 55 -12.68 47.27 22.35
C ASP A 55 -12.75 45.83 21.85
N THR A 56 -12.63 45.68 20.53
CA THR A 56 -12.98 44.42 19.86
C THR A 56 -11.91 44.00 18.86
N TYR A 57 -11.67 42.69 18.77
CA TYR A 57 -10.80 42.13 17.74
C TYR A 57 -11.56 41.26 16.74
N ASN A 58 -11.02 41.17 15.53
CA ASN A 58 -11.49 40.24 14.51
C ASN A 58 -10.32 39.52 13.87
N VAL A 59 -10.42 38.21 13.74
CA VAL A 59 -9.38 37.42 13.09
C VAL A 59 -9.85 37.00 11.70
N TYR A 60 -8.99 37.24 10.70
CA TYR A 60 -9.29 36.90 9.31
C TYR A 60 -8.31 35.88 8.75
N PHE A 61 -8.84 34.88 8.04
CA PHE A 61 -8.05 33.95 7.24
C PHE A 61 -8.35 34.23 5.77
N ASP A 62 -7.34 34.71 5.04
CA ASP A 62 -7.49 35.13 3.64
C ASP A 62 -8.70 36.06 3.43
N GLY A 63 -8.84 37.03 4.33
CA GLY A 63 -9.91 38.04 4.24
C GLY A 63 -11.26 37.63 4.81
N VAL A 64 -11.40 36.37 5.17
CA VAL A 64 -12.65 35.84 5.72
C VAL A 64 -12.56 35.74 7.25
N LYS A 65 -13.53 36.33 7.94
CA LYS A 65 -13.54 36.36 9.40
C LYS A 65 -13.77 34.96 9.98
N VAL A 66 -12.89 34.57 10.91
CA VAL A 66 -12.94 33.25 11.54
C VAL A 66 -13.09 33.31 13.06
N ALA A 67 -12.86 34.49 13.62
CA ALA A 67 -12.96 34.70 15.08
C ALA A 67 -13.22 36.16 15.44
N THR A 68 -13.80 36.36 16.62
CA THR A 68 -14.00 37.69 17.19
C THR A 68 -14.06 37.64 18.72
N GLY A 69 -13.84 38.79 19.36
CA GLY A 69 -13.86 38.87 20.83
C GLY A 69 -13.41 40.22 21.35
N ALA A 70 -13.23 40.31 22.67
CA ALA A 70 -12.93 41.57 23.33
C ALA A 70 -11.45 41.82 23.55
N ILE A 71 -11.09 43.10 23.57
CA ILE A 71 -9.76 43.55 23.98
C ILE A 71 -9.91 44.28 25.31
N THR A 72 -9.16 43.84 26.32
CA THR A 72 -9.29 44.39 27.68
C THR A 72 -7.95 44.88 28.23
N GLY A 73 -7.02 45.19 27.34
CA GLY A 73 -5.72 45.72 27.74
C GLY A 73 -4.66 45.70 26.65
N SER A 74 -3.41 45.80 27.09
CA SER A 74 -2.26 45.87 26.19
C SER A 74 -1.96 44.54 25.48
N GLN A 75 -2.36 43.43 26.10
CA GLN A 75 -2.12 42.09 25.55
C GLN A 75 -3.42 41.30 25.48
N THR A 76 -3.62 40.57 24.38
CA THR A 76 -4.84 39.80 24.17
C THR A 76 -4.55 38.42 23.58
N THR A 77 -5.26 37.41 24.11
CA THR A 77 -5.22 36.06 23.56
C THR A 77 -6.53 35.75 22.83
N ALA A 78 -6.42 35.37 21.56
CA ALA A 78 -7.57 34.99 20.75
C ALA A 78 -7.62 33.47 20.61
N SER A 79 -8.59 32.85 21.28
CA SER A 79 -8.77 31.40 21.24
C SER A 79 -10.04 31.03 20.46
N PHE A 80 -9.89 30.16 19.47
CA PHE A 80 -11.01 29.72 18.64
C PHE A 80 -10.72 28.36 17.98
N GLU A 81 -11.72 27.79 17.33
CA GLU A 81 -11.57 26.50 16.65
C GLU A 81 -11.73 26.63 15.15
N TYR A 82 -11.03 25.78 14.41
CA TYR A 82 -11.07 25.79 12.95
C TYR A 82 -10.86 24.38 12.42
N GLY A 83 -11.65 23.99 11.41
CA GLY A 83 -11.69 22.60 10.96
C GLY A 83 -11.10 22.27 9.60
N GLN A 84 -10.68 23.29 8.85
CA GLN A 84 -10.08 23.08 7.55
C GLN A 84 -8.56 23.26 7.61
N GLY A 85 -7.83 22.21 7.23
CA GLY A 85 -6.38 22.26 7.15
C GLY A 85 -5.92 23.17 6.03
N GLY A 86 -4.69 23.67 6.13
CA GLY A 86 -4.09 24.47 5.07
C GLY A 86 -3.20 25.58 5.54
N LEU A 87 -2.81 26.46 4.61
CA LEU A 87 -2.02 27.65 4.89
C LEU A 87 -2.87 28.87 4.58
N TYR A 88 -2.94 29.79 5.53
CA TYR A 88 -3.80 30.97 5.40
C TYR A 88 -3.06 32.24 5.74
N GLN A 89 -3.42 33.32 5.04
CA GLN A 89 -2.93 34.65 5.38
C GLN A 89 -3.79 35.20 6.50
N MET A 90 -3.21 35.28 7.69
CA MET A 90 -3.93 35.75 8.87
C MET A 90 -3.68 37.23 9.13
N GLU A 91 -4.77 37.96 9.31
CA GLU A 91 -4.73 39.35 9.76
C GLU A 91 -5.60 39.48 10.99
N ILE A 92 -5.12 40.25 11.97
CA ILE A 92 -5.91 40.54 13.16
C ILE A 92 -6.22 42.03 13.24
N GLU A 93 -7.50 42.31 13.44
CA GLU A 93 -8.04 43.65 13.38
C GLU A 93 -8.50 44.08 14.78
N ALA A 94 -8.17 45.32 15.15
CA ALA A 94 -8.64 45.90 16.41
C ALA A 94 -9.58 47.06 16.09
N CYS A 95 -10.72 47.11 16.77
CA CYS A 95 -11.75 48.10 16.48
C CYS A 95 -12.24 48.83 17.72
N ASP A 96 -12.51 50.13 17.55
CA ASP A 96 -13.30 50.89 18.51
C ASP A 96 -14.39 51.67 17.77
N ALA A 97 -15.00 52.64 18.43
CA ALA A 97 -16.06 53.46 17.84
C ALA A 97 -15.58 54.31 16.66
N THR A 98 -14.30 54.65 16.65
CA THR A 98 -13.73 55.56 15.66
C THR A 98 -13.11 54.87 14.43
N GLY A 99 -13.00 53.55 14.47
CA GLY A 99 -12.50 52.78 13.32
C GLY A 99 -11.78 51.48 13.67
N CYS A 100 -11.27 50.83 12.63
CA CYS A 100 -10.53 49.57 12.77
C CYS A 100 -9.12 49.65 12.18
N SER A 101 -8.20 48.90 12.77
CA SER A 101 -6.82 48.83 12.30
C SER A 101 -6.37 47.37 12.22
N LYS A 102 -5.79 47.00 11.08
CA LYS A 102 -5.37 45.61 10.84
C LYS A 102 -3.87 45.41 11.00
N SER A 103 -3.48 44.24 11.49
CA SER A 103 -2.09 43.80 11.48
C SER A 103 -1.64 43.51 10.05
N ALA A 104 -0.33 43.46 9.83
CA ALA A 104 0.22 42.99 8.57
C ALA A 104 -0.09 41.50 8.46
N PRO A 105 -0.37 41.02 7.23
CA PRO A 105 -0.70 39.60 7.09
C PRO A 105 0.48 38.70 7.40
N VAL A 106 0.20 37.55 8.03
CA VAL A 106 1.21 36.55 8.34
C VAL A 106 0.59 35.15 8.15
N GLU A 107 1.41 34.20 7.70
CA GLU A 107 0.90 32.87 7.40
C GLU A 107 0.70 32.02 8.66
N ILE A 108 -0.51 31.47 8.78
CA ILE A 108 -0.83 30.50 9.83
C ILE A 108 -0.92 29.11 9.20
N THR A 109 -0.37 28.12 9.91
CA THR A 109 -0.38 26.74 9.44
C THR A 109 -1.33 25.89 10.29
N ILE A 110 -2.31 25.29 9.63
CA ILE A 110 -3.18 24.33 10.29
C ILE A 110 -3.03 22.97 9.60
N ALA A 111 -2.35 22.06 10.28
CA ALA A 111 -2.02 20.75 9.73
C ALA A 111 -3.24 19.83 9.74
N ASP A 112 -3.41 19.11 8.64
CA ASP A 112 -4.40 18.02 8.58
C ASP A 112 -3.83 16.87 7.75
N THR A 113 -4.43 15.70 7.89
CA THR A 113 -3.89 14.47 7.32
C THR A 113 -4.18 14.28 5.83
N ASP A 114 -4.77 15.30 5.21
CA ASP A 114 -4.89 15.34 3.76
C ASP A 114 -3.65 15.97 3.12
N GLY A 115 -2.78 16.51 3.97
CA GLY A 115 -1.54 17.16 3.54
C GLY A 115 -1.75 18.59 3.02
N SER A 116 -2.91 19.16 3.29
CA SER A 116 -3.27 20.48 2.77
C SER A 116 -2.31 21.60 3.21
N HIS A 117 -1.59 21.35 4.32
CA HIS A 117 -0.60 22.28 4.86
C HIS A 117 0.81 22.05 4.29
N LEU A 118 0.94 21.05 3.42
CA LEU A 118 2.25 20.64 2.92
C LEU A 118 2.49 21.05 1.48
N LYS A 119 3.74 21.35 1.16
CA LYS A 119 4.16 21.56 -0.20
C LYS A 119 4.28 20.21 -0.89
N PRO A 120 3.93 20.14 -2.19
CA PRO A 120 4.08 18.92 -2.99
C PRO A 120 5.44 18.28 -2.79
N LEU A 121 5.45 16.95 -2.65
CA LEU A 121 6.68 16.19 -2.41
C LEU A 121 7.69 16.34 -3.54
N THR A 122 8.95 16.54 -3.18
CA THR A 122 10.05 16.52 -4.13
C THR A 122 10.48 15.07 -4.34
N MET A 123 10.52 14.66 -5.60
CA MET A 123 10.79 13.26 -5.96
C MET A 123 12.28 12.99 -6.18
N ASN A 124 12.68 11.76 -5.89
CA ASN A 124 14.04 11.28 -6.14
C ASN A 124 13.95 9.88 -6.75
N VAL A 125 13.55 9.85 -8.02
CA VAL A 125 13.23 8.60 -8.73
C VAL A 125 14.39 8.18 -9.62
N ASP A 126 14.69 6.87 -9.61
CA ASP A 126 15.68 6.28 -10.51
C ASP A 126 15.30 6.63 -11.95
N PRO A 127 16.19 7.36 -12.66
CA PRO A 127 15.91 7.80 -14.03
C PRO A 127 15.74 6.67 -15.05
N ASN A 128 16.03 5.42 -14.64
CA ASN A 128 15.71 4.25 -15.46
C ASN A 128 14.20 4.10 -15.67
N ASN A 129 13.42 4.69 -14.76
CA ASN A 129 11.98 4.82 -14.93
C ASN A 129 11.68 5.85 -16.02
N LYS A 130 11.11 5.37 -17.13
CA LYS A 130 10.81 6.22 -18.28
C LYS A 130 9.48 6.96 -18.10
N SER A 131 9.21 7.89 -19.02
CA SER A 131 7.93 8.61 -19.05
C SER A 131 7.00 8.03 -20.11
N TYR A 132 5.71 7.94 -19.78
CA TYR A 132 4.72 7.35 -20.68
C TYR A 132 3.44 8.18 -20.76
N ASN A 133 2.68 7.99 -21.84
CA ASN A 133 1.39 8.65 -22.02
C ASN A 133 0.23 7.65 -21.95
N THR A 134 0.33 6.73 -20.99
CA THR A 134 -0.67 5.69 -20.79
C THR A 134 -2.02 6.30 -20.41
N ASP A 135 -3.09 5.76 -21.02
CA ASP A 135 -4.46 6.15 -20.73
C ASP A 135 -4.69 6.09 -19.21
N PRO A 136 -5.08 7.24 -18.61
CA PRO A 136 -5.27 7.34 -17.16
C PRO A 136 -6.38 6.43 -16.59
N SER A 137 -7.25 5.93 -17.48
CA SER A 137 -8.32 5.01 -17.07
C SER A 137 -7.80 3.58 -16.84
N ILE A 138 -6.59 3.31 -17.30
CA ILE A 138 -5.96 2.01 -17.11
C ILE A 138 -5.29 1.96 -15.73
N VAL A 139 -5.62 0.95 -14.95
CA VAL A 139 -5.01 0.77 -13.64
C VAL A 139 -3.54 0.41 -13.78
N MET A 140 -2.68 1.17 -13.09
CA MET A 140 -1.26 0.86 -12.96
C MET A 140 -0.90 0.91 -11.49
N GLY A 141 -0.99 -0.23 -10.82
CA GLY A 141 -0.84 -0.28 -9.37
C GLY A 141 0.46 -0.90 -8.90
N THR A 142 0.81 -0.59 -7.66
CA THR A 142 1.94 -1.24 -7.00
C THR A 142 1.76 -1.20 -5.48
N TYR A 143 2.51 -2.07 -4.80
CA TYR A 143 2.56 -2.08 -3.35
C TYR A 143 3.83 -1.41 -2.86
N PHE A 144 3.65 -0.43 -1.98
CA PHE A 144 4.73 0.16 -1.20
C PHE A 144 4.66 -0.41 0.21
N VAL A 145 5.78 -0.91 0.72
CA VAL A 145 5.78 -1.57 2.03
C VAL A 145 6.38 -0.68 3.13
N GLU A 146 5.70 -0.66 4.27
CA GLU A 146 6.08 0.17 5.42
C GLU A 146 7.53 -0.05 5.87
N TRP A 147 7.94 -1.32 5.91
CA TRP A 147 9.26 -1.72 6.40
C TRP A 147 10.38 -1.54 5.37
N GLY A 148 10.04 -1.08 4.18
CA GLY A 148 11.02 -0.87 3.11
C GLY A 148 11.99 0.27 3.35
N ILE A 149 11.69 1.10 4.35
CA ILE A 149 12.54 2.23 4.70
C ILE A 149 13.78 1.83 5.52
N TYR A 150 13.82 0.57 5.95
CA TYR A 150 14.94 0.06 6.73
C TYR A 150 16.02 -0.50 5.80
N GLY A 151 16.28 -1.81 5.86
CA GLY A 151 17.31 -2.43 5.01
C GLY A 151 17.17 -2.14 3.52
N ARG A 152 15.94 -2.22 3.02
CA ARG A 152 15.67 -1.97 1.61
C ARG A 152 15.91 -0.53 1.17
N ASP A 153 15.94 0.39 2.14
CA ASP A 153 16.27 1.81 1.92
C ASP A 153 15.49 2.40 0.74
N TYR A 154 14.19 2.17 0.75
CA TYR A 154 13.31 2.64 -0.31
C TYR A 154 12.22 3.49 0.32
N THR A 155 12.21 4.77 -0.04
CA THR A 155 11.35 5.76 0.59
C THR A 155 10.28 6.23 -0.39
N VAL A 156 9.28 6.93 0.14
CA VAL A 156 8.13 7.38 -0.65
C VAL A 156 8.53 8.22 -1.87
N ASP A 157 9.52 9.09 -1.69
CA ASP A 157 10.01 9.94 -2.78
C ASP A 157 10.77 9.18 -3.89
N ASN A 158 11.05 7.90 -3.66
CA ASN A 158 11.68 7.05 -4.69
C ASN A 158 10.69 6.50 -5.70
N MET A 159 9.41 6.47 -5.33
CA MET A 159 8.38 5.89 -6.20
C MET A 159 8.20 6.68 -7.51
N PRO A 160 8.15 5.95 -8.65
CA PRO A 160 7.85 6.56 -9.95
C PRO A 160 6.36 6.90 -10.06
N VAL A 161 5.93 7.88 -9.26
CA VAL A 161 4.52 8.21 -9.05
C VAL A 161 3.75 8.55 -10.33
N ASP A 162 4.43 9.16 -11.30
CA ASP A 162 3.78 9.54 -12.56
C ASP A 162 3.47 8.32 -13.44
N ASN A 163 4.04 7.17 -13.07
CA ASN A 163 3.79 5.90 -13.75
C ASN A 163 2.83 5.00 -12.97
N LEU A 164 2.15 5.58 -11.99
CA LEU A 164 1.23 4.83 -11.15
C LEU A 164 -0.12 5.52 -11.02
N THR A 165 -1.19 4.70 -10.95
CA THR A 165 -2.53 5.20 -10.66
C THR A 165 -2.94 4.86 -9.23
N HIS A 166 -2.39 3.76 -8.72
CA HIS A 166 -2.73 3.23 -7.41
C HIS A 166 -1.47 2.84 -6.64
N ILE A 167 -1.36 3.34 -5.42
CA ILE A 167 -0.33 2.89 -4.49
C ILE A 167 -1.03 2.19 -3.32
N LEU A 168 -0.72 0.92 -3.15
CA LEU A 168 -1.27 0.13 -2.06
C LEU A 168 -0.23 0.00 -0.95
N TYR A 169 -0.59 0.46 0.25
CA TYR A 169 0.35 0.54 1.36
C TYR A 169 0.24 -0.69 2.27
N GLY A 170 1.26 -1.54 2.23
CA GLY A 170 1.29 -2.75 3.07
C GLY A 170 2.13 -2.54 4.31
N PHE A 171 1.66 -3.00 5.48
CA PHE A 171 0.33 -3.57 5.69
C PHE A 171 -0.23 -3.02 6.99
N ILE A 172 -1.55 -2.89 7.03
CA ILE A 172 -2.28 -2.50 8.23
C ILE A 172 -2.79 -3.74 8.96
N PRO A 173 -2.34 -3.95 10.22
CA PRO A 173 -2.83 -5.09 10.98
C PRO A 173 -4.21 -4.88 11.61
N ILE A 174 -4.82 -5.99 12.00
CA ILE A 174 -6.06 -6.01 12.77
C ILE A 174 -5.72 -6.61 14.14
N CYS A 175 -6.10 -5.94 15.22
CA CYS A 175 -5.87 -6.47 16.56
C CYS A 175 -6.68 -7.74 16.80
N GLY A 176 -6.06 -8.70 17.49
CA GLY A 176 -6.70 -9.97 17.79
C GLY A 176 -5.75 -11.13 17.62
N PRO A 177 -6.28 -12.31 17.19
CA PRO A 177 -5.41 -13.46 16.97
C PRO A 177 -4.43 -13.18 15.82
N ASN A 178 -3.14 -13.36 16.08
CA ASN A 178 -2.11 -13.01 15.12
C ASN A 178 -0.85 -13.87 15.27
N GLU A 179 -1.05 -15.16 15.52
CA GLU A 179 0.07 -16.09 15.72
C GLU A 179 1.03 -16.18 14.52
N SER A 180 0.50 -15.93 13.32
CA SER A 180 1.29 -15.95 12.09
C SER A 180 2.37 -14.86 12.04
N VAL A 181 2.19 -13.80 12.82
CA VAL A 181 3.12 -12.67 12.88
C VAL A 181 4.48 -13.09 13.47
N LYS A 182 4.46 -14.11 14.32
CA LYS A 182 5.68 -14.62 14.97
C LYS A 182 6.72 -15.18 14.00
N SER A 183 6.27 -15.63 12.83
CA SER A 183 7.18 -16.16 11.79
C SER A 183 8.09 -15.07 11.21
N VAL A 184 7.66 -13.81 11.34
CA VAL A 184 8.41 -12.66 10.85
C VAL A 184 9.68 -12.40 11.66
N GLY A 185 9.61 -12.67 12.97
CA GLY A 185 10.70 -12.34 13.89
C GLY A 185 10.89 -10.84 13.97
N GLY A 186 12.11 -10.41 14.31
CA GLY A 186 12.44 -8.98 14.41
C GLY A 186 11.56 -8.22 15.38
N ASN A 187 11.02 -8.93 16.37
CA ASN A 187 10.15 -8.36 17.41
C ASN A 187 8.79 -7.84 16.89
N SER A 188 8.38 -8.34 15.71
CA SER A 188 7.15 -7.87 15.05
C SER A 188 5.88 -8.15 15.84
N PHE A 189 5.81 -9.32 16.48
CA PHE A 189 4.66 -9.68 17.31
C PHE A 189 4.54 -8.77 18.52
N ASN A 190 5.65 -8.53 19.24
CA ASN A 190 5.69 -7.62 20.37
C ASN A 190 5.21 -6.21 19.99
N ALA A 191 5.71 -5.70 18.86
CA ALA A 191 5.32 -4.40 18.33
C ALA A 191 3.81 -4.30 18.10
N LEU A 192 3.23 -5.39 17.60
CA LEU A 192 1.77 -5.47 17.39
C LEU A 192 1.00 -5.49 18.71
N GLN A 193 1.51 -6.24 19.69
CA GLN A 193 0.90 -6.28 21.02
C GLN A 193 0.86 -4.88 21.64
N THR A 194 1.97 -4.14 21.47
CA THR A 194 2.07 -2.77 21.99
C THR A 194 1.07 -1.84 21.33
N ALA A 195 0.97 -1.89 20.01
CA ALA A 195 0.02 -1.07 19.25
C ALA A 195 -1.42 -1.35 19.65
N CYS A 196 -1.70 -2.60 20.01
CA CYS A 196 -3.06 -3.04 20.31
C CYS A 196 -3.50 -2.84 21.76
N ARG A 197 -2.57 -2.42 22.62
CA ARG A 197 -2.92 -2.11 24.00
C ARG A 197 -3.88 -0.91 24.00
N GLY A 198 -5.06 -1.09 24.59
CA GLY A 198 -6.10 -0.07 24.58
C GLY A 198 -6.95 -0.07 23.32
N VAL A 199 -6.79 -1.12 22.51
CA VAL A 199 -7.55 -1.28 21.26
C VAL A 199 -8.34 -2.59 21.31
N ASN A 200 -9.62 -2.52 20.97
CA ASN A 200 -10.47 -3.70 20.96
C ASN A 200 -10.07 -4.65 19.83
N ASP A 201 -10.25 -5.95 20.07
CA ASP A 201 -10.04 -6.94 19.02
C ASP A 201 -10.85 -6.58 17.77
N TYR A 202 -10.24 -6.82 16.61
CA TYR A 202 -10.86 -6.62 15.27
C TYR A 202 -10.89 -5.15 14.81
N GLU A 203 -10.20 -4.29 15.54
CA GLU A 203 -9.97 -2.92 15.11
C GLU A 203 -8.58 -2.79 14.50
N VAL A 204 -8.44 -1.90 13.52
CA VAL A 204 -7.14 -1.71 12.86
C VAL A 204 -6.21 -0.81 13.68
N VAL A 205 -4.91 -1.02 13.51
CA VAL A 205 -3.88 -0.16 14.10
C VAL A 205 -2.73 0.03 13.11
N ILE A 206 -1.81 0.94 13.44
CA ILE A 206 -0.55 1.07 12.72
C ILE A 206 0.48 0.15 13.39
N HIS A 207 1.11 -0.71 12.59
CA HIS A 207 2.06 -1.70 13.07
C HIS A 207 3.36 -1.05 13.55
N ASP A 208 3.86 -0.10 12.74
CA ASP A 208 5.14 0.55 12.98
C ASP A 208 4.96 2.08 12.94
N PRO A 209 4.63 2.68 14.10
CA PRO A 209 4.43 4.12 14.14
C PRO A 209 5.69 4.94 13.81
N TRP A 210 6.86 4.39 14.11
CA TRP A 210 8.12 5.06 13.73
C TRP A 210 8.19 5.26 12.22
N ALA A 211 8.02 4.18 11.48
CA ALA A 211 8.02 4.24 10.01
C ALA A 211 6.85 5.05 9.46
N ALA A 212 5.68 4.88 10.10
CA ALA A 212 4.44 5.50 9.62
C ALA A 212 4.42 7.02 9.76
N TYR A 213 4.72 7.53 10.96
CA TYR A 213 4.58 8.98 11.19
C TYR A 213 5.60 9.67 12.10
N GLN A 214 6.58 8.93 12.61
CA GLN A 214 7.57 9.53 13.53
C GLN A 214 8.91 9.89 12.89
N LYS A 215 9.37 9.02 11.98
CA LYS A 215 10.70 9.17 11.39
C LYS A 215 10.84 10.47 10.61
N SER A 216 11.91 11.20 10.89
CA SER A 216 12.17 12.47 10.23
C SER A 216 12.92 12.27 8.91
N PHE A 217 12.27 12.61 7.80
CA PHE A 217 12.87 12.53 6.48
C PHE A 217 13.28 13.93 6.00
N PRO A 218 14.59 14.18 5.88
CA PRO A 218 15.08 15.50 5.44
C PRO A 218 14.64 15.89 4.04
N GLN A 219 14.42 14.92 3.16
CA GLN A 219 13.93 15.19 1.81
C GLN A 219 12.49 15.73 1.82
N ALA A 220 11.81 15.61 2.96
CA ALA A 220 10.45 16.14 3.12
C ALA A 220 10.42 17.34 4.08
N GLY A 221 11.60 17.81 4.48
CA GLY A 221 11.70 19.00 5.35
C GLY A 221 11.18 18.81 6.76
N HIS A 222 11.24 17.57 7.26
CA HIS A 222 10.80 17.26 8.61
C HIS A 222 11.77 17.80 9.65
N GLU A 223 11.21 18.33 10.74
CA GLU A 223 11.99 18.86 11.85
C GLU A 223 11.33 18.48 13.18
N TYR A 224 11.93 18.89 14.29
CA TYR A 224 11.44 18.49 15.61
C TYR A 224 9.96 18.81 15.83
N SER A 225 9.53 19.99 15.39
CA SER A 225 8.17 20.48 15.62
C SER A 225 7.13 20.05 14.58
N THR A 226 7.57 19.36 13.53
CA THR A 226 6.65 18.90 12.47
C THR A 226 5.59 17.95 13.08
N PRO A 227 4.29 18.31 12.94
CA PRO A 227 3.22 17.52 13.59
C PRO A 227 3.02 16.11 13.03
N ILE A 228 3.35 15.91 11.75
CA ILE A 228 3.27 14.60 11.11
C ILE A 228 4.56 14.35 10.33
N LYS A 229 5.18 13.20 10.58
CA LYS A 229 6.42 12.83 9.88
C LYS A 229 6.26 11.45 9.23
N GLY A 230 7.37 10.74 9.02
CA GLY A 230 7.34 9.37 8.51
C GLY A 230 6.76 9.22 7.10
N ASN A 231 6.50 7.98 6.73
CA ASN A 231 5.92 7.66 5.41
C ASN A 231 4.61 8.39 5.16
N TYR A 232 3.77 8.45 6.18
CA TYR A 232 2.45 9.07 6.07
C TYR A 232 2.51 10.55 5.67
N ALA A 233 3.41 11.32 6.28
CA ALA A 233 3.57 12.73 5.91
C ALA A 233 4.05 12.86 4.47
N MET A 234 4.92 11.95 4.06
CA MET A 234 5.44 11.94 2.68
C MET A 234 4.35 11.56 1.68
N LEU A 235 3.49 10.63 2.06
CA LEU A 235 2.34 10.25 1.22
C LEU A 235 1.33 11.40 1.11
N MET A 236 1.17 12.15 2.20
CA MET A 236 0.35 13.37 2.20
C MET A 236 0.89 14.43 1.22
N ALA A 237 2.21 14.65 1.27
CA ALA A 237 2.88 15.56 0.34
C ALA A 237 2.85 15.05 -1.10
N LEU A 238 2.85 13.73 -1.25
CA LEU A 238 2.71 13.10 -2.56
C LEU A 238 1.33 13.37 -3.16
N LYS A 239 0.29 13.31 -2.33
CA LYS A 239 -1.07 13.62 -2.77
C LYS A 239 -1.20 15.08 -3.24
N GLN A 240 -0.38 15.95 -2.66
CA GLN A 240 -0.35 17.36 -3.06
C GLN A 240 0.28 17.53 -4.44
N ARG A 241 1.26 16.69 -4.75
CA ARG A 241 1.93 16.70 -6.04
C ARG A 241 1.06 16.02 -7.11
N ASN A 242 0.48 14.89 -6.74
CA ASN A 242 -0.34 14.07 -7.65
C ASN A 242 -1.73 13.85 -7.06
N PRO A 243 -2.64 14.84 -7.23
CA PRO A 243 -3.97 14.80 -6.61
C PRO A 243 -4.88 13.66 -7.11
N ASP A 244 -4.65 13.19 -8.32
CA ASP A 244 -5.48 12.13 -8.92
C ASP A 244 -5.00 10.72 -8.56
N LEU A 245 -3.82 10.64 -7.95
CA LEU A 245 -3.27 9.39 -7.47
C LEU A 245 -4.13 8.80 -6.35
N LYS A 246 -4.38 7.49 -6.42
CA LYS A 246 -5.11 6.79 -5.36
C LYS A 246 -4.10 6.12 -4.43
N ILE A 247 -4.15 6.46 -3.16
CA ILE A 247 -3.34 5.80 -2.13
C ILE A 247 -4.29 5.06 -1.19
N ILE A 248 -4.11 3.75 -1.11
CA ILE A 248 -5.06 2.88 -0.43
C ILE A 248 -4.35 2.01 0.62
N PRO A 249 -4.89 1.96 1.86
CA PRO A 249 -4.27 1.11 2.87
C PRO A 249 -4.64 -0.35 2.63
N SER A 250 -3.64 -1.23 2.65
CA SER A 250 -3.87 -2.66 2.48
C SER A 250 -3.91 -3.32 3.84
N ILE A 251 -5.06 -3.89 4.16
CA ILE A 251 -5.29 -4.52 5.46
C ILE A 251 -5.01 -6.03 5.34
N GLY A 252 -4.13 -6.53 6.19
CA GLY A 252 -3.80 -7.95 6.23
C GLY A 252 -2.48 -8.30 5.59
N GLY A 253 -2.54 -9.09 4.51
CA GLY A 253 -1.34 -9.67 3.93
C GLY A 253 -1.11 -11.08 4.49
N TRP A 254 -0.04 -11.73 4.05
CA TRP A 254 0.24 -13.12 4.43
C TRP A 254 0.29 -13.33 5.94
N THR A 255 1.01 -12.46 6.65
CA THR A 255 1.28 -12.67 8.07
C THR A 255 0.22 -12.05 9.00
N LEU A 256 -0.63 -11.19 8.44
CA LEU A 256 -1.60 -10.45 9.23
C LEU A 256 -3.06 -10.76 8.87
N SER A 257 -3.28 -11.95 8.32
CA SER A 257 -4.63 -12.38 7.90
C SER A 257 -5.43 -13.12 8.97
N ASP A 258 -4.79 -13.54 10.06
CA ASP A 258 -5.45 -14.41 11.06
C ASP A 258 -6.82 -13.90 11.57
N PRO A 259 -6.92 -12.59 11.92
CA PRO A 259 -8.21 -12.09 12.42
C PRO A 259 -9.39 -12.22 11.46
N PHE A 260 -9.12 -12.23 10.15
CA PHE A 260 -10.19 -12.31 9.13
C PHE A 260 -11.07 -13.56 9.31
N TYR A 261 -10.48 -14.65 9.78
CA TYR A 261 -11.23 -15.90 9.96
C TYR A 261 -12.35 -15.80 10.99
N ASP A 262 -12.28 -14.77 11.84
CA ASP A 262 -13.32 -14.52 12.83
C ASP A 262 -14.43 -13.59 12.32
N PHE A 263 -14.37 -13.24 11.03
CA PHE A 263 -15.38 -12.38 10.42
C PHE A 263 -16.67 -13.13 10.06
N VAL A 264 -16.69 -14.43 10.33
CA VAL A 264 -17.92 -15.24 10.23
C VAL A 264 -19.01 -14.70 11.18
N ASP A 265 -18.57 -14.13 12.29
CA ASP A 265 -19.44 -13.45 13.25
C ASP A 265 -19.56 -11.98 12.84
N LYS A 266 -20.78 -11.56 12.48
CA LYS A 266 -21.03 -10.20 12.00
C LYS A 266 -20.60 -9.11 13.01
N LYS A 267 -20.68 -9.42 14.30
CA LYS A 267 -20.27 -8.47 15.34
C LYS A 267 -18.81 -8.06 15.17
N ASN A 268 -17.97 -9.02 14.78
CA ASN A 268 -16.56 -8.75 14.51
C ASN A 268 -16.35 -7.91 13.25
N ARG A 269 -17.17 -8.15 12.23
CA ARG A 269 -17.16 -7.31 11.03
C ARG A 269 -17.58 -5.88 11.37
N ASP A 270 -18.63 -5.76 12.19
CA ASP A 270 -19.13 -4.46 12.63
C ASP A 270 -18.02 -3.63 13.29
N THR A 271 -17.30 -4.26 14.22
CA THR A 271 -16.17 -3.62 14.91
C THR A 271 -15.11 -3.16 13.93
N PHE A 272 -14.74 -4.06 13.01
CA PHE A 272 -13.74 -3.78 11.98
C PHE A 272 -14.15 -2.63 11.06
N VAL A 273 -15.35 -2.71 10.50
CA VAL A 273 -15.86 -1.70 9.59
C VAL A 273 -15.89 -0.29 10.22
N ALA A 274 -16.34 -0.22 11.48
CA ALA A 274 -16.35 1.05 12.23
C ALA A 274 -14.94 1.60 12.43
N SER A 275 -14.00 0.69 12.71
CA SER A 275 -12.58 1.03 12.89
C SER A 275 -11.95 1.59 11.61
N VAL A 276 -12.29 1.00 10.47
CA VAL A 276 -11.82 1.48 9.17
C VAL A 276 -12.36 2.89 8.86
N LYS A 277 -13.64 3.12 9.16
CA LYS A 277 -14.22 4.45 8.96
C LYS A 277 -13.45 5.50 9.77
N LYS A 278 -13.16 5.17 11.03
CA LYS A 278 -12.39 6.04 11.92
C LYS A 278 -10.98 6.27 11.39
N PHE A 279 -10.38 5.21 10.85
CA PHE A 279 -9.03 5.25 10.28
C PHE A 279 -8.95 6.18 9.05
N LEU A 280 -9.98 6.12 8.20
CA LEU A 280 -10.03 6.95 7.00
C LEU A 280 -10.36 8.41 7.30
N LYS A 281 -11.08 8.66 8.39
CA LYS A 281 -11.33 10.03 8.84
C LYS A 281 -10.07 10.61 9.48
N THR A 282 -9.32 9.77 10.19
CA THR A 282 -8.08 10.19 10.85
C THR A 282 -6.97 10.44 9.82
N TRP A 283 -6.88 9.56 8.82
CA TRP A 283 -5.82 9.64 7.81
C TRP A 283 -6.42 9.95 6.44
N LYS A 284 -6.63 11.24 6.19
CA LYS A 284 -7.43 11.69 5.04
C LYS A 284 -6.79 11.51 3.67
N PHE A 285 -5.47 11.26 3.63
CA PHE A 285 -4.76 11.05 2.35
C PHE A 285 -5.14 9.72 1.69
N TYR A 286 -5.67 8.79 2.49
CA TYR A 286 -6.12 7.50 2.02
C TYR A 286 -7.45 7.61 1.25
N ASP A 287 -7.54 6.87 0.13
CA ASP A 287 -8.67 6.99 -0.82
C ASP A 287 -9.62 5.79 -0.84
N GLY A 288 -9.55 4.95 0.19
CA GLY A 288 -10.40 3.77 0.27
C GLY A 288 -9.78 2.70 1.14
N VAL A 289 -10.08 1.44 0.84
CA VAL A 289 -9.53 0.34 1.61
C VAL A 289 -9.31 -0.90 0.75
N ASP A 290 -8.19 -1.58 0.97
CA ASP A 290 -7.83 -2.81 0.28
C ASP A 290 -7.78 -3.95 1.29
N ILE A 291 -8.55 -5.00 1.02
CA ILE A 291 -8.64 -6.15 1.92
C ILE A 291 -7.79 -7.28 1.36
N ASP A 292 -6.74 -7.64 2.10
CA ASP A 292 -5.81 -8.68 1.66
C ASP A 292 -5.87 -9.88 2.59
N TRP A 293 -6.93 -10.68 2.41
CA TRP A 293 -7.18 -11.84 3.24
C TRP A 293 -6.65 -13.07 2.53
N MET A 294 -5.68 -13.73 3.17
CA MET A 294 -5.10 -14.94 2.63
C MET A 294 -5.29 -16.10 3.63
N PHE A 295 -6.26 -16.98 3.38
CA PHE A 295 -7.25 -16.89 2.30
C PHE A 295 -8.58 -17.34 2.88
N PRO A 296 -9.71 -16.81 2.35
CA PRO A 296 -10.99 -17.43 2.70
C PRO A 296 -10.96 -18.92 2.37
N GLY A 297 -11.35 -19.75 3.34
CA GLY A 297 -11.38 -21.20 3.17
C GLY A 297 -10.12 -21.90 3.65
N GLY A 298 -9.08 -21.11 3.96
CA GLY A 298 -7.81 -21.65 4.45
C GLY A 298 -6.71 -21.70 3.41
N GLY A 299 -5.57 -22.26 3.81
CA GLY A 299 -4.42 -22.36 2.92
C GLY A 299 -3.42 -21.23 3.10
N GLY A 300 -3.66 -20.38 4.10
CA GLY A 300 -2.77 -19.26 4.40
C GLY A 300 -1.70 -19.63 5.41
N ALA A 301 -1.14 -18.62 6.07
CA ALA A 301 -0.05 -18.82 7.04
C ALA A 301 -0.47 -19.71 8.21
N ALA A 302 -1.71 -19.54 8.68
CA ALA A 302 -2.23 -20.32 9.79
C ALA A 302 -2.88 -21.60 9.29
N ALA A 303 -2.20 -22.73 9.50
CA ALA A 303 -2.65 -24.04 9.03
C ALA A 303 -3.94 -24.50 9.69
N ASP A 304 -4.21 -24.01 10.90
CA ASP A 304 -5.36 -24.44 11.70
C ASP A 304 -6.63 -23.62 11.43
N LYS A 305 -6.57 -22.70 10.46
CA LYS A 305 -7.70 -21.83 10.18
C LYS A 305 -8.21 -21.94 8.74
N GLY A 306 -9.49 -21.61 8.56
CA GLY A 306 -10.14 -21.69 7.26
C GLY A 306 -11.45 -22.46 7.34
N ASP A 307 -12.51 -21.83 6.83
CA ASP A 307 -13.84 -22.41 6.85
C ASP A 307 -14.43 -22.30 5.44
N PRO A 308 -14.35 -23.40 4.64
CA PRO A 308 -14.84 -23.40 3.26
C PRO A 308 -16.34 -23.12 3.14
N VAL A 309 -17.10 -23.35 4.21
CA VAL A 309 -18.55 -23.10 4.18
C VAL A 309 -18.86 -21.62 4.41
N ASN A 310 -18.22 -21.03 5.42
CA ASN A 310 -18.60 -19.71 5.92
C ASN A 310 -17.71 -18.52 5.55
N ASP A 311 -16.46 -18.78 5.17
CA ASP A 311 -15.51 -17.70 4.86
C ASP A 311 -15.93 -16.83 3.67
N GLY A 312 -16.34 -17.49 2.59
CA GLY A 312 -16.78 -16.80 1.37
C GLY A 312 -17.97 -15.87 1.59
N PRO A 313 -19.06 -16.41 2.17
CA PRO A 313 -20.19 -15.57 2.59
C PRO A 313 -19.78 -14.40 3.51
N ALA A 314 -18.82 -14.63 4.40
CA ALA A 314 -18.29 -13.58 5.28
C ALA A 314 -17.55 -12.50 4.50
N TYR A 315 -16.75 -12.93 3.53
CA TYR A 315 -16.00 -12.05 2.65
C TYR A 315 -16.95 -11.14 1.86
N ILE A 316 -17.98 -11.74 1.27
CA ILE A 316 -19.01 -11.02 0.53
C ILE A 316 -19.73 -10.00 1.42
N ALA A 317 -20.15 -10.45 2.60
CA ALA A 317 -20.82 -9.59 3.58
C ALA A 317 -19.93 -8.42 4.00
N LEU A 318 -18.65 -8.72 4.21
CA LEU A 318 -17.66 -7.69 4.54
C LEU A 318 -17.61 -6.60 3.46
N MET A 319 -17.59 -7.01 2.19
CA MET A 319 -17.54 -6.05 1.09
C MET A 319 -18.79 -5.19 1.02
N ARG A 320 -19.95 -5.83 1.18
CA ARG A 320 -21.24 -5.13 1.23
C ARG A 320 -21.24 -4.08 2.35
N GLU A 321 -20.80 -4.50 3.54
CA GLU A 321 -20.77 -3.64 4.72
C GLU A 321 -19.74 -2.52 4.61
N LEU A 322 -18.56 -2.83 4.08
CA LEU A 322 -17.55 -1.80 3.80
C LEU A 322 -18.04 -0.75 2.81
N ARG A 323 -18.75 -1.20 1.77
CA ARG A 323 -19.29 -0.29 0.75
C ARG A 323 -20.34 0.65 1.36
N VAL A 324 -21.20 0.12 2.23
CA VAL A 324 -22.17 0.95 2.95
C VAL A 324 -21.43 2.02 3.75
N MET A 325 -20.39 1.61 4.47
CA MET A 325 -19.58 2.53 5.27
C MET A 325 -18.91 3.59 4.38
N LEU A 326 -18.33 3.16 3.26
CA LEU A 326 -17.65 4.08 2.35
C LEU A 326 -18.62 5.06 1.70
N ASP A 327 -19.85 4.60 1.44
CA ASP A 327 -20.93 5.48 0.97
C ASP A 327 -21.25 6.58 1.97
N GLU A 328 -21.21 6.24 3.26
CA GLU A 328 -21.37 7.23 4.34
C GLU A 328 -20.28 8.30 4.25
N LEU A 329 -19.02 7.87 4.11
CA LEU A 329 -17.90 8.81 3.98
C LEU A 329 -18.05 9.69 2.74
N GLU A 330 -18.48 9.09 1.63
CA GLU A 330 -18.71 9.83 0.40
C GLU A 330 -19.77 10.92 0.59
N ALA A 331 -20.85 10.58 1.29
CA ALA A 331 -21.91 11.54 1.61
C ALA A 331 -21.42 12.66 2.53
N GLU A 332 -20.53 12.32 3.46
CA GLU A 332 -20.01 13.27 4.46
C GLU A 332 -18.94 14.22 3.89
N THR A 333 -18.21 13.75 2.87
CA THR A 333 -17.02 14.47 2.38
C THR A 333 -17.11 14.95 0.93
N GLY A 334 -18.02 14.35 0.16
CA GLY A 334 -18.11 14.64 -1.28
C GLY A 334 -17.02 13.96 -2.09
N ARG A 335 -16.18 13.19 -1.42
CA ARG A 335 -15.09 12.44 -2.07
C ARG A 335 -15.60 11.12 -2.62
N THR A 336 -14.80 10.49 -3.48
CA THR A 336 -15.08 9.15 -3.98
C THR A 336 -14.10 8.17 -3.33
N TYR A 337 -14.64 7.10 -2.75
CA TYR A 337 -13.81 6.09 -2.09
C TYR A 337 -13.84 4.76 -2.83
N GLU A 338 -12.70 4.10 -2.89
CA GLU A 338 -12.59 2.82 -3.58
C GLU A 338 -12.48 1.64 -2.62
N LEU A 339 -13.08 0.52 -3.01
CA LEU A 339 -13.02 -0.71 -2.24
C LEU A 339 -12.40 -1.79 -3.10
N THR A 340 -11.26 -2.31 -2.67
CA THR A 340 -10.50 -3.31 -3.44
C THR A 340 -10.09 -4.50 -2.58
N SER A 341 -9.60 -5.54 -3.25
CA SER A 341 -9.05 -6.71 -2.57
C SER A 341 -8.00 -7.38 -3.44
N ALA A 342 -6.89 -7.77 -2.82
CA ALA A 342 -5.93 -8.66 -3.46
C ALA A 342 -6.29 -10.10 -3.08
N ILE A 343 -6.41 -10.96 -4.07
CA ILE A 343 -6.88 -12.33 -3.87
C ILE A 343 -5.94 -13.37 -4.45
N GLY A 344 -5.93 -14.56 -3.87
CA GLY A 344 -5.22 -15.70 -4.43
C GLY A 344 -5.89 -16.13 -5.73
N VAL A 345 -5.11 -16.68 -6.65
CA VAL A 345 -5.65 -17.12 -7.95
C VAL A 345 -5.55 -18.63 -8.20
N GLY A 346 -5.09 -19.38 -7.20
CA GLY A 346 -5.17 -20.83 -7.26
C GLY A 346 -6.62 -21.25 -7.32
N TYR A 347 -6.93 -22.28 -8.10
CA TYR A 347 -8.30 -22.77 -8.24
C TYR A 347 -8.90 -23.03 -6.86
N ASP A 348 -8.07 -23.54 -5.95
CA ASP A 348 -8.47 -23.96 -4.62
C ASP A 348 -8.65 -22.80 -3.64
N LYS A 349 -8.31 -21.59 -4.08
CA LYS A 349 -8.59 -20.38 -3.33
C LYS A 349 -9.82 -19.68 -3.93
N ILE A 350 -9.84 -19.57 -5.26
CA ILE A 350 -10.95 -18.91 -5.96
C ILE A 350 -12.31 -19.58 -5.71
N GLU A 351 -12.30 -20.90 -5.61
CA GLU A 351 -13.54 -21.68 -5.45
C GLU A 351 -14.27 -21.42 -4.12
N ASP A 352 -13.58 -20.84 -3.16
CA ASP A 352 -14.17 -20.62 -1.82
C ASP A 352 -14.97 -19.33 -1.71
N VAL A 353 -14.93 -18.49 -2.74
CA VAL A 353 -15.68 -17.24 -2.74
C VAL A 353 -16.53 -17.09 -4.00
N ASP A 354 -17.77 -16.64 -3.84
CA ASP A 354 -18.57 -16.21 -5.00
C ASP A 354 -18.18 -14.75 -5.28
N TYR A 355 -17.17 -14.56 -6.10
CA TYR A 355 -16.68 -13.22 -6.44
C TYR A 355 -17.65 -12.40 -7.28
N ALA A 356 -18.54 -13.07 -8.01
CA ALA A 356 -19.61 -12.38 -8.73
C ALA A 356 -20.46 -11.57 -7.77
N ASP A 357 -20.76 -12.18 -6.62
CA ASP A 357 -21.53 -11.54 -5.55
C ASP A 357 -20.68 -10.43 -4.89
N ALA A 358 -19.46 -10.76 -4.49
CA ALA A 358 -18.57 -9.81 -3.81
C ALA A 358 -18.26 -8.58 -4.65
N VAL A 359 -17.97 -8.78 -5.93
CA VAL A 359 -17.42 -7.72 -6.79
C VAL A 359 -18.41 -6.59 -7.12
N GLN A 360 -19.70 -6.83 -6.93
CA GLN A 360 -20.71 -5.79 -7.18
C GLN A 360 -20.54 -4.60 -6.23
N TYR A 361 -19.86 -4.83 -5.11
CA TYR A 361 -19.59 -3.80 -4.10
C TYR A 361 -18.22 -3.18 -4.27
N MET A 362 -17.43 -3.74 -5.17
CA MET A 362 -16.00 -3.47 -5.26
C MET A 362 -15.62 -2.74 -6.55
N ASP A 363 -14.54 -1.96 -6.46
CA ASP A 363 -14.00 -1.27 -7.63
C ASP A 363 -13.06 -2.18 -8.41
N TYR A 364 -12.15 -2.84 -7.70
CA TYR A 364 -11.13 -3.68 -8.31
C TYR A 364 -10.80 -4.93 -7.52
N ILE A 365 -10.48 -5.99 -8.25
CA ILE A 365 -9.84 -7.17 -7.67
C ILE A 365 -8.41 -7.23 -8.19
N PHE A 366 -7.46 -7.19 -7.27
CA PHE A 366 -6.06 -7.35 -7.62
C PHE A 366 -5.74 -8.84 -7.60
N ALA A 367 -5.71 -9.44 -8.79
CA ALA A 367 -5.48 -10.87 -8.94
C ALA A 367 -4.00 -11.19 -8.75
N MET A 368 -3.68 -11.85 -7.63
CA MET A 368 -2.27 -12.15 -7.30
C MET A 368 -1.74 -13.30 -8.14
N THR A 369 -1.44 -12.97 -9.39
CA THR A 369 -1.00 -13.93 -10.38
C THR A 369 0.52 -14.10 -10.31
N TYR A 370 0.96 -14.53 -9.13
CA TYR A 370 2.34 -14.88 -8.85
C TYR A 370 2.36 -15.90 -7.71
N ASP A 371 3.56 -16.33 -7.31
CA ASP A 371 3.73 -17.35 -6.26
C ASP A 371 3.07 -18.69 -6.63
N PHE A 372 3.15 -19.06 -7.90
CA PHE A 372 2.58 -20.33 -8.38
C PHE A 372 3.47 -21.49 -7.98
N TYR A 373 4.77 -21.23 -7.96
CA TYR A 373 5.80 -22.18 -7.57
C TYR A 373 6.83 -21.42 -6.73
N GLY A 374 7.56 -22.13 -5.89
CA GLY A 374 8.50 -21.45 -5.01
C GLY A 374 9.31 -22.36 -4.12
N GLY A 375 10.14 -21.73 -3.28
CA GLY A 375 11.09 -22.43 -2.42
C GLY A 375 10.49 -23.18 -1.24
N TRP A 376 9.16 -23.08 -1.06
CA TRP A 376 8.47 -23.82 0.01
C TRP A 376 8.57 -25.33 -0.19
N ASN A 377 8.81 -25.74 -1.43
CA ASN A 377 9.18 -27.11 -1.75
C ASN A 377 10.32 -27.14 -2.78
N ASN A 378 10.66 -28.32 -3.26
CA ASN A 378 11.78 -28.49 -4.18
C ASN A 378 11.36 -28.76 -5.63
N VAL A 379 10.12 -28.38 -5.95
CA VAL A 379 9.57 -28.54 -7.29
C VAL A 379 9.68 -27.22 -8.08
N PRO A 380 10.55 -27.20 -9.11
CA PRO A 380 10.65 -26.03 -9.98
C PRO A 380 9.39 -25.79 -10.80
N GLY A 381 9.19 -24.54 -11.21
CA GLY A 381 8.08 -24.17 -12.06
C GLY A 381 8.06 -22.66 -12.19
N HIS A 382 7.27 -22.16 -13.14
CA HIS A 382 7.16 -20.72 -13.34
C HIS A 382 6.24 -20.11 -12.30
N GLN A 383 6.76 -19.16 -11.51
CA GLN A 383 6.01 -18.59 -10.39
C GLN A 383 4.92 -17.60 -10.82
N THR A 384 5.05 -17.04 -12.01
CA THR A 384 4.17 -15.94 -12.43
C THR A 384 3.79 -16.00 -13.91
N ALA A 385 3.91 -17.20 -14.50
CA ALA A 385 3.64 -17.41 -15.93
C ALA A 385 2.19 -17.10 -16.29
N LEU A 386 2.00 -16.62 -17.52
CA LEU A 386 0.69 -16.39 -18.07
C LEU A 386 0.00 -17.73 -18.35
N TYR A 387 0.71 -18.63 -19.01
CA TYR A 387 0.16 -19.91 -19.45
C TYR A 387 0.92 -21.10 -18.89
N CYS A 388 0.42 -22.30 -19.21
CA CYS A 388 1.03 -23.54 -18.77
C CYS A 388 2.36 -23.80 -19.49
N GLY A 389 3.38 -24.08 -18.70
CA GLY A 389 4.74 -24.27 -19.22
C GLY A 389 4.98 -25.61 -19.89
N SER A 390 6.06 -25.66 -20.66
CA SER A 390 6.51 -26.89 -21.31
C SER A 390 6.75 -28.02 -20.31
N PHE A 391 7.14 -27.67 -19.09
CA PHE A 391 7.45 -28.65 -18.05
C PHE A 391 6.24 -29.45 -17.55
N MET A 392 5.05 -28.93 -17.79
CA MET A 392 3.83 -29.56 -17.28
C MET A 392 3.48 -30.86 -18.00
N ARG A 393 2.87 -31.78 -17.23
CA ARG A 393 2.49 -33.10 -17.73
C ARG A 393 1.25 -33.05 -18.61
N PRO A 394 1.00 -34.10 -19.42
CA PRO A 394 -0.20 -34.17 -20.24
C PRO A 394 -1.45 -33.99 -19.38
N GLY A 395 -2.30 -33.03 -19.75
CA GLY A 395 -3.53 -32.78 -19.03
C GLY A 395 -3.40 -32.09 -17.69
N GLN A 396 -2.17 -31.72 -17.32
CA GLN A 396 -1.94 -30.99 -16.07
C GLN A 396 -2.54 -29.58 -16.16
N CYS A 397 -2.40 -28.94 -17.31
CA CYS A 397 -2.85 -27.56 -17.49
C CYS A 397 -4.31 -27.36 -17.08
N ASP A 398 -5.19 -28.15 -17.67
CA ASP A 398 -6.63 -28.07 -17.39
C ASP A 398 -7.01 -28.85 -16.14
N GLY A 399 -6.14 -29.77 -15.72
CA GLY A 399 -6.36 -30.57 -14.52
C GLY A 399 -7.03 -31.91 -14.77
N GLY A 400 -7.28 -32.23 -16.04
CA GLY A 400 -7.93 -33.49 -16.42
C GLY A 400 -6.99 -34.66 -16.58
N GLY A 401 -5.70 -34.40 -16.41
CA GLY A 401 -4.67 -35.43 -16.54
C GLY A 401 -4.33 -36.12 -15.22
N VAL A 402 -3.15 -36.73 -15.21
CA VAL A 402 -2.69 -37.58 -14.11
C VAL A 402 -1.23 -37.24 -13.78
N ASP A 403 -0.89 -37.27 -12.49
CA ASP A 403 0.49 -36.95 -12.05
C ASP A 403 1.46 -38.14 -12.14
N GLU A 404 2.64 -37.98 -11.54
CA GLU A 404 3.70 -39.01 -11.53
C GLU A 404 3.25 -40.34 -10.91
N ASN A 405 2.41 -40.27 -9.88
CA ASN A 405 1.94 -41.48 -9.18
C ASN A 405 0.69 -42.10 -9.78
N GLY A 406 0.20 -41.51 -10.87
CA GLY A 406 -1.04 -41.97 -11.50
C GLY A 406 -2.28 -41.32 -10.92
N GLU A 407 -2.08 -40.43 -9.95
CA GLU A 407 -3.19 -39.74 -9.29
C GLU A 407 -3.69 -38.57 -10.14
N PRO A 408 -5.01 -38.42 -10.23
CA PRO A 408 -5.58 -37.29 -10.99
C PRO A 408 -5.21 -35.95 -10.36
N TYR A 409 -5.04 -34.94 -11.21
CA TYR A 409 -4.93 -33.56 -10.72
C TYR A 409 -6.28 -33.13 -10.17
N LYS A 410 -6.25 -32.29 -9.14
CA LYS A 410 -7.47 -31.91 -8.43
C LYS A 410 -8.08 -30.60 -8.95
N GLY A 411 -7.32 -29.91 -9.78
CA GLY A 411 -7.78 -28.68 -10.41
C GLY A 411 -6.80 -28.19 -11.45
N PRO A 412 -7.17 -27.14 -12.21
CA PRO A 412 -6.28 -26.57 -13.23
C PRO A 412 -4.95 -26.10 -12.63
N ALA A 413 -3.90 -26.18 -13.43
CA ALA A 413 -2.55 -25.78 -13.00
C ALA A 413 -2.50 -24.32 -12.54
N TYR A 414 -1.52 -24.02 -11.69
CA TYR A 414 -1.31 -22.66 -11.20
C TYR A 414 -0.65 -21.79 -12.27
N THR A 415 -1.48 -21.06 -13.02
CA THR A 415 -1.03 -20.08 -14.00
C THR A 415 -1.91 -18.84 -13.91
N ALA A 416 -1.45 -17.74 -14.50
CA ALA A 416 -2.21 -16.49 -14.49
C ALA A 416 -3.52 -16.62 -15.26
N ASP A 417 -3.46 -17.18 -16.47
CA ASP A 417 -4.65 -17.37 -17.30
C ASP A 417 -5.67 -18.31 -16.67
N ASN A 418 -5.21 -19.41 -16.07
CA ASN A 418 -6.15 -20.31 -15.38
C ASN A 418 -6.94 -19.58 -14.29
N GLY A 419 -6.24 -18.76 -13.51
CA GLY A 419 -6.87 -17.95 -12.46
C GLY A 419 -7.85 -16.91 -12.97
N ILE A 420 -7.41 -16.13 -13.96
CA ILE A 420 -8.27 -15.13 -14.60
C ILE A 420 -9.51 -15.78 -15.21
N GLN A 421 -9.33 -16.89 -15.94
CA GLN A 421 -10.46 -17.58 -16.55
C GLN A 421 -11.48 -18.08 -15.52
N LEU A 422 -10.99 -18.57 -14.38
CA LEU A 422 -11.86 -19.04 -13.31
C LEU A 422 -12.70 -17.90 -12.72
N LEU A 423 -12.08 -16.73 -12.57
CA LEU A 423 -12.78 -15.55 -12.09
C LEU A 423 -13.84 -15.08 -13.09
N LEU A 424 -13.46 -14.99 -14.35
CA LEU A 424 -14.42 -14.65 -15.41
C LEU A 424 -15.58 -15.65 -15.48
N ALA A 425 -15.27 -16.93 -15.25
CA ALA A 425 -16.27 -18.00 -15.27
C ALA A 425 -17.31 -17.87 -14.16
N GLN A 426 -16.91 -17.25 -13.05
CA GLN A 426 -17.83 -16.97 -11.95
C GLN A 426 -18.81 -15.84 -12.30
N GLY A 427 -18.45 -15.03 -13.30
CA GLY A 427 -19.25 -13.87 -13.66
C GLY A 427 -18.64 -12.55 -13.25
N VAL A 428 -17.37 -12.57 -12.85
CA VAL A 428 -16.63 -11.34 -12.55
C VAL A 428 -16.34 -10.60 -13.87
N PRO A 429 -16.69 -9.30 -13.93
CA PRO A 429 -16.39 -8.54 -15.16
C PRO A 429 -14.89 -8.34 -15.35
N ALA A 430 -14.43 -8.49 -16.58
CA ALA A 430 -13.01 -8.31 -16.91
C ALA A 430 -12.47 -6.93 -16.50
N ASN A 431 -13.30 -5.90 -16.64
CA ASN A 431 -12.89 -4.53 -16.34
C ASN A 431 -12.77 -4.18 -14.86
N LYS A 432 -12.98 -5.17 -13.98
CA LYS A 432 -12.69 -5.00 -12.56
C LYS A 432 -11.50 -5.85 -12.11
N LEU A 433 -10.96 -6.65 -13.04
CA LEU A 433 -9.81 -7.50 -12.75
C LEU A 433 -8.49 -6.83 -13.11
N VAL A 434 -7.57 -6.81 -12.14
CA VAL A 434 -6.24 -6.24 -12.33
C VAL A 434 -5.23 -7.39 -12.29
N LEU A 435 -4.42 -7.50 -13.34
CA LEU A 435 -3.46 -8.60 -13.50
C LEU A 435 -2.15 -8.30 -12.78
N GLY A 436 -1.66 -9.29 -12.02
CA GLY A 436 -0.46 -9.14 -11.20
C GLY A 436 0.84 -9.42 -11.92
N THR A 437 1.80 -8.52 -11.70
CA THR A 437 3.15 -8.64 -12.23
C THR A 437 4.11 -8.79 -11.05
N ALA A 438 5.12 -9.64 -11.20
CA ALA A 438 6.11 -9.84 -10.14
C ALA A 438 7.35 -8.97 -10.35
N MET A 439 7.72 -8.22 -9.32
CA MET A 439 8.97 -7.46 -9.34
C MET A 439 10.04 -8.18 -8.51
N TYR A 440 9.89 -9.51 -8.42
CA TYR A 440 10.80 -10.36 -7.67
C TYR A 440 10.80 -11.74 -8.29
N GLY A 441 11.84 -12.51 -7.98
CA GLY A 441 11.92 -13.89 -8.37
C GLY A 441 11.82 -14.81 -7.18
N ARG A 442 11.39 -16.04 -7.43
CA ARG A 442 11.54 -17.12 -6.47
C ARG A 442 12.58 -18.09 -7.01
N GLY A 443 13.28 -18.77 -6.12
CA GLY A 443 14.46 -19.51 -6.54
C GLY A 443 14.87 -20.70 -5.70
N TRP A 444 15.58 -21.61 -6.35
CA TRP A 444 16.08 -22.82 -5.73
C TRP A 444 17.58 -22.94 -6.01
N GLU A 445 18.22 -23.83 -5.27
CA GLU A 445 19.57 -24.30 -5.63
C GLU A 445 19.54 -25.82 -5.78
N GLY A 446 20.57 -26.36 -6.42
CA GLY A 446 20.68 -27.81 -6.58
C GLY A 446 19.88 -28.41 -7.74
N VAL A 447 19.32 -27.55 -8.58
CA VAL A 447 18.68 -28.00 -9.82
C VAL A 447 19.77 -28.18 -10.89
N THR A 448 20.59 -29.21 -10.67
CA THR A 448 21.72 -29.51 -11.54
C THR A 448 21.23 -30.30 -12.76
N PRO A 449 21.96 -30.21 -13.90
CA PRO A 449 21.56 -30.85 -15.15
C PRO A 449 21.13 -32.32 -15.01
N ASP A 450 21.76 -33.06 -14.09
CA ASP A 450 21.46 -34.49 -13.91
C ASP A 450 20.05 -34.77 -13.37
N THR A 451 19.39 -33.75 -12.80
CA THR A 451 18.04 -33.89 -12.26
C THR A 451 16.96 -33.67 -13.33
N LEU A 452 17.36 -33.11 -14.47
CA LEU A 452 16.43 -32.73 -15.53
C LEU A 452 16.00 -33.92 -16.40
N THR A 453 14.70 -33.96 -16.73
CA THR A 453 14.20 -34.94 -17.69
C THR A 453 14.30 -34.37 -19.12
N ASP A 454 14.09 -33.07 -19.24
CA ASP A 454 14.34 -32.34 -20.48
C ASP A 454 15.62 -31.52 -20.24
N PRO A 455 16.73 -31.89 -20.90
CA PRO A 455 18.07 -31.30 -20.63
C PRO A 455 18.16 -29.78 -20.89
N ASN A 456 17.18 -29.24 -21.60
CA ASN A 456 17.16 -27.81 -21.93
C ASN A 456 16.12 -27.03 -21.13
N ASP A 457 15.43 -27.72 -20.23
CA ASP A 457 14.39 -27.10 -19.41
C ASP A 457 14.60 -27.41 -17.92
N PRO A 458 15.20 -26.45 -17.18
CA PRO A 458 15.46 -26.62 -15.75
C PRO A 458 14.18 -26.76 -14.91
N MET A 459 13.05 -26.39 -15.49
CA MET A 459 11.75 -26.55 -14.82
C MET A 459 11.34 -28.03 -14.74
N THR A 460 12.11 -28.90 -15.40
CA THR A 460 11.88 -30.34 -15.34
C THR A 460 12.84 -31.04 -14.35
N GLY A 461 13.60 -30.25 -13.60
CA GLY A 461 14.53 -30.79 -12.61
C GLY A 461 13.97 -30.88 -11.21
N THR A 462 14.87 -31.07 -10.23
CA THR A 462 14.50 -31.13 -8.82
C THR A 462 15.55 -30.35 -8.02
N ALA A 463 15.08 -29.58 -7.04
CA ALA A 463 15.96 -28.76 -6.20
C ALA A 463 16.41 -29.50 -4.93
N THR A 464 17.49 -29.02 -4.33
CA THR A 464 17.93 -29.51 -3.02
C THR A 464 17.46 -28.58 -1.90
N GLY A 465 17.15 -27.34 -2.26
CA GLY A 465 16.71 -26.32 -1.30
C GLY A 465 16.44 -24.97 -1.93
N LYS A 466 16.29 -23.95 -1.08
CA LYS A 466 15.98 -22.59 -1.50
C LYS A 466 17.22 -21.84 -2.00
N LEU A 467 16.99 -20.86 -2.87
CA LEU A 467 18.05 -19.92 -3.26
C LEU A 467 18.57 -19.19 -2.02
N LYS A 468 19.90 -19.11 -1.90
CA LYS A 468 20.54 -18.40 -0.80
C LYS A 468 21.30 -17.19 -1.32
N GLY A 469 21.57 -16.25 -0.43
CA GLY A 469 22.36 -15.09 -0.81
C GLY A 469 22.33 -13.95 0.19
N SER A 470 22.85 -12.81 -0.26
CA SER A 470 22.96 -11.61 0.58
C SER A 470 21.90 -10.58 0.22
N THR A 471 21.61 -9.69 1.15
CA THR A 471 20.69 -8.59 0.89
C THR A 471 21.24 -7.61 -0.14
N ALA A 472 22.57 -7.55 -0.26
CA ALA A 472 23.22 -6.78 -1.32
C ALA A 472 22.75 -7.22 -2.71
N GLN A 473 22.48 -8.52 -2.84
CA GLN A 473 22.00 -9.09 -4.10
C GLN A 473 20.48 -9.16 -4.17
N GLY A 474 19.82 -8.59 -3.16
CA GLY A 474 18.36 -8.52 -3.14
C GLY A 474 17.68 -9.74 -2.55
N VAL A 475 18.45 -10.58 -1.86
CA VAL A 475 17.90 -11.74 -1.18
C VAL A 475 17.62 -11.38 0.28
N TRP A 476 16.36 -11.07 0.57
CA TRP A 476 15.92 -10.66 1.90
C TRP A 476 15.42 -11.85 2.72
N GLU A 477 15.11 -12.92 2.01
CA GLU A 477 14.65 -14.18 2.59
C GLU A 477 15.07 -15.27 1.61
N ASP A 478 15.48 -16.42 2.14
CA ASP A 478 15.88 -17.55 1.28
C ASP A 478 14.75 -17.90 0.32
N GLY A 479 15.11 -18.13 -0.95
CA GLY A 479 14.15 -18.52 -1.98
C GLY A 479 13.47 -17.34 -2.69
N VAL A 480 13.83 -16.12 -2.30
CA VAL A 480 13.20 -14.91 -2.86
C VAL A 480 14.28 -13.86 -3.16
N ILE A 481 14.16 -13.19 -4.31
CA ILE A 481 15.15 -12.20 -4.74
C ILE A 481 14.51 -11.04 -5.52
N ASP A 482 14.88 -9.80 -5.17
CA ASP A 482 14.41 -8.60 -5.87
C ASP A 482 14.74 -8.71 -7.36
N TYR A 483 13.82 -8.26 -8.22
CA TYR A 483 14.12 -8.22 -9.66
C TYR A 483 15.42 -7.44 -9.93
N LYS A 484 15.60 -6.30 -9.26
CA LYS A 484 16.80 -5.47 -9.47
C LYS A 484 18.08 -6.23 -9.11
N GLY A 485 17.97 -7.16 -8.15
CA GLY A 485 19.06 -8.08 -7.82
C GLY A 485 19.34 -9.09 -8.93
N ILE A 486 18.28 -9.67 -9.48
CA ILE A 486 18.40 -10.58 -10.64
C ILE A 486 19.09 -9.87 -11.81
N LYS A 487 18.67 -8.64 -12.09
CA LYS A 487 19.24 -7.86 -13.18
C LYS A 487 20.73 -7.58 -12.93
N SER A 488 21.06 -7.12 -11.72
CA SER A 488 22.43 -6.73 -11.37
C SER A 488 23.41 -7.90 -11.27
N PHE A 489 22.92 -9.06 -10.85
CA PHE A 489 23.81 -10.17 -10.47
C PHE A 489 23.66 -11.46 -11.27
N MET A 490 22.57 -11.59 -12.03
CA MET A 490 22.33 -12.80 -12.83
C MET A 490 22.16 -12.54 -14.32
N LEU A 491 21.50 -11.43 -14.67
CA LEU A 491 21.21 -11.11 -16.06
C LEU A 491 22.30 -10.31 -16.75
N GLY A 492 22.76 -9.24 -16.09
CA GLY A 492 23.73 -8.32 -16.69
C GLY A 492 23.09 -7.39 -17.70
N ALA A 493 23.93 -6.62 -18.40
CA ALA A 493 23.49 -5.55 -19.31
C ALA A 493 22.38 -5.90 -20.31
N ASN A 494 22.56 -6.97 -21.08
CA ASN A 494 21.57 -7.36 -22.10
C ASN A 494 21.11 -8.82 -22.06
N ASN A 495 20.63 -9.27 -20.90
CA ASN A 495 20.12 -10.63 -20.72
C ASN A 495 21.10 -11.74 -21.13
N THR A 496 22.39 -11.42 -21.18
CA THR A 496 23.42 -12.38 -21.59
C THR A 496 23.55 -13.49 -20.54
N GLY A 497 23.34 -13.11 -19.28
CA GLY A 497 23.61 -14.00 -18.17
C GLY A 497 25.03 -13.77 -17.69
N ILE A 498 25.18 -13.60 -16.39
CA ILE A 498 26.49 -13.35 -15.77
C ILE A 498 26.67 -14.21 -14.53
N ASN A 499 27.92 -14.29 -14.06
CA ASN A 499 28.28 -15.01 -12.83
C ASN A 499 27.83 -16.48 -12.81
N GLY A 500 27.91 -17.13 -13.97
CA GLY A 500 27.58 -18.55 -14.10
C GLY A 500 26.13 -18.82 -14.51
N PHE A 501 25.33 -17.77 -14.57
CA PHE A 501 23.92 -17.90 -14.93
C PHE A 501 23.69 -17.76 -16.43
N GLU A 502 22.74 -18.54 -16.95
CA GLU A 502 22.27 -18.37 -18.32
C GLU A 502 20.80 -17.94 -18.29
N TYR A 503 20.39 -17.16 -19.28
CA TYR A 503 19.00 -16.73 -19.42
C TYR A 503 18.22 -17.71 -20.29
N GLY A 504 16.97 -17.95 -19.92
CA GLY A 504 16.05 -18.78 -20.72
C GLY A 504 14.64 -18.22 -20.69
N TYR A 505 13.84 -18.61 -21.68
CA TYR A 505 12.46 -18.17 -21.77
C TYR A 505 11.57 -19.29 -22.28
N ASP A 506 10.44 -19.49 -21.61
CA ASP A 506 9.44 -20.45 -22.04
C ASP A 506 8.36 -19.69 -22.82
N ALA A 507 8.42 -19.77 -24.15
CA ALA A 507 7.51 -19.02 -25.01
C ALA A 507 6.06 -19.50 -24.91
N GLN A 508 5.88 -20.77 -24.56
CA GLN A 508 4.56 -21.33 -24.32
C GLN A 508 3.94 -20.72 -23.07
N ALA A 509 4.73 -20.64 -21.99
CA ALA A 509 4.25 -20.13 -20.71
C ALA A 509 4.24 -18.60 -20.67
N GLU A 510 5.10 -17.99 -21.48
CA GLU A 510 5.46 -16.57 -21.37
C GLU A 510 6.09 -16.31 -20.00
N ALA A 511 7.26 -16.90 -19.79
CA ALA A 511 7.95 -16.83 -18.50
C ALA A 511 9.46 -17.00 -18.66
N PRO A 512 10.24 -16.07 -18.10
CA PRO A 512 11.69 -16.14 -18.12
C PRO A 512 12.28 -16.87 -16.92
N TRP A 513 13.54 -17.27 -17.05
CA TRP A 513 14.32 -17.78 -15.93
C TRP A 513 15.81 -17.49 -16.11
N VAL A 514 16.53 -17.55 -14.99
CA VAL A 514 17.98 -17.64 -15.02
C VAL A 514 18.41 -18.91 -14.29
N TRP A 515 19.43 -19.57 -14.84
CA TRP A 515 19.85 -20.86 -14.34
C TRP A 515 21.37 -20.97 -14.35
N ASN A 516 21.94 -21.34 -13.21
CA ASN A 516 23.36 -21.59 -13.09
C ASN A 516 23.57 -23.11 -13.02
N ARG A 517 24.08 -23.67 -14.12
CA ARG A 517 24.25 -25.12 -14.25
C ARG A 517 25.20 -25.73 -13.22
N SER A 518 26.25 -24.99 -12.83
CA SER A 518 27.22 -25.48 -11.87
C SER A 518 26.66 -25.59 -10.44
N THR A 519 25.92 -24.56 -10.02
CA THR A 519 25.37 -24.52 -8.66
C THR A 519 23.95 -25.10 -8.60
N GLY A 520 23.30 -25.18 -9.76
CA GLY A 520 21.91 -25.62 -9.83
C GLY A 520 20.93 -24.53 -9.39
N GLU A 521 21.44 -23.31 -9.24
CA GLU A 521 20.61 -22.18 -8.85
C GLU A 521 19.66 -21.82 -9.98
N LEU A 522 18.38 -21.71 -9.64
CA LEU A 522 17.33 -21.46 -10.63
C LEU A 522 16.35 -20.42 -10.09
N ILE A 523 16.09 -19.38 -10.89
CA ILE A 523 15.21 -18.30 -10.47
C ILE A 523 14.11 -18.07 -11.51
N THR A 524 12.86 -18.03 -11.04
CA THR A 524 11.70 -17.73 -11.86
C THR A 524 11.16 -16.34 -11.48
N PHE A 525 10.87 -15.52 -12.49
CA PHE A 525 10.52 -14.12 -12.29
C PHE A 525 9.75 -13.56 -13.49
N ASP A 526 9.43 -12.26 -13.46
CA ASP A 526 8.91 -11.54 -14.62
C ASP A 526 10.02 -10.66 -15.20
N ASP A 527 10.12 -10.62 -16.52
CA ASP A 527 11.06 -9.71 -17.18
C ASP A 527 10.35 -8.87 -18.24
N HIS A 528 11.11 -8.08 -19.00
CA HIS A 528 10.52 -7.23 -20.02
C HIS A 528 9.60 -8.01 -20.95
N ARG A 529 10.08 -9.14 -21.46
CA ARG A 529 9.30 -9.95 -22.40
C ARG A 529 7.99 -10.48 -21.82
N SER A 530 8.05 -11.08 -20.62
CA SER A 530 6.86 -11.65 -20.00
C SER A 530 5.85 -10.58 -19.59
N VAL A 531 6.34 -9.42 -19.16
CA VAL A 531 5.46 -8.32 -18.77
C VAL A 531 4.78 -7.71 -20.00
N LEU A 532 5.51 -7.62 -21.11
CA LEU A 532 4.90 -7.24 -22.39
C LEU A 532 3.75 -8.17 -22.75
N ALA A 533 3.96 -9.48 -22.56
CA ALA A 533 2.95 -10.49 -22.84
C ALA A 533 1.73 -10.33 -21.93
N LYS A 534 1.98 -10.04 -20.65
CA LYS A 534 0.90 -9.78 -19.69
C LYS A 534 0.09 -8.54 -20.06
N GLY A 535 0.78 -7.47 -20.47
CA GLY A 535 0.12 -6.24 -20.92
C GLY A 535 -0.74 -6.46 -22.15
N ASN A 536 -0.17 -7.14 -23.14
CA ASN A 536 -0.89 -7.48 -24.37
C ASN A 536 -2.11 -8.36 -24.09
N TYR A 537 -1.96 -9.29 -23.15
CA TYR A 537 -3.04 -10.16 -22.68
C TYR A 537 -4.15 -9.37 -21.99
N ALA A 538 -3.76 -8.44 -21.12
CA ALA A 538 -4.69 -7.59 -20.39
C ALA A 538 -5.58 -6.74 -21.30
N LYS A 539 -4.99 -6.13 -22.33
CA LYS A 539 -5.80 -5.33 -23.25
C LYS A 539 -6.67 -6.19 -24.16
N SER A 540 -6.19 -7.38 -24.51
CA SER A 540 -6.98 -8.33 -25.30
C SER A 540 -8.25 -8.77 -24.58
N LEU A 541 -8.14 -8.99 -23.27
CA LEU A 541 -9.29 -9.42 -22.46
C LEU A 541 -10.11 -8.26 -21.92
N GLY A 542 -9.60 -7.04 -22.05
CA GLY A 542 -10.27 -5.85 -21.51
C GLY A 542 -10.21 -5.77 -20.00
N LEU A 543 -9.11 -6.26 -19.42
CA LEU A 543 -8.89 -6.17 -17.97
C LEU A 543 -8.71 -4.71 -17.55
N ALA A 544 -8.86 -4.44 -16.24
CA ALA A 544 -8.76 -3.09 -15.70
C ALA A 544 -7.35 -2.50 -15.86
N GLY A 545 -6.34 -3.37 -15.83
CA GLY A 545 -4.96 -2.97 -15.93
C GLY A 545 -4.02 -3.95 -15.25
N LEU A 546 -2.90 -3.42 -14.75
CA LEU A 546 -1.86 -4.22 -14.13
C LEU A 546 -1.50 -3.68 -12.76
N PHE A 547 -1.04 -4.56 -11.87
CA PHE A 547 -0.45 -4.14 -10.61
C PHE A 547 0.79 -5.00 -10.32
N SER A 548 1.53 -4.62 -9.29
CA SER A 548 2.81 -5.27 -9.00
C SER A 548 3.12 -5.33 -7.51
N TRP A 549 3.88 -6.36 -7.14
CA TRP A 549 4.49 -6.49 -5.83
C TRP A 549 5.99 -6.70 -6.04
N GLU A 550 6.88 -5.93 -5.40
CA GLU A 550 6.64 -4.69 -4.64
C GLU A 550 7.58 -3.65 -5.26
N ILE A 551 7.21 -2.36 -5.25
CA ILE A 551 7.95 -1.38 -6.10
C ILE A 551 9.42 -1.18 -5.71
N ASP A 552 9.75 -1.41 -4.45
CA ASP A 552 11.14 -1.25 -4.00
C ASP A 552 12.08 -2.24 -4.68
N ALA A 553 11.52 -3.36 -5.16
CA ALA A 553 12.31 -4.42 -5.76
C ALA A 553 12.59 -4.21 -7.26
N ASP A 554 11.90 -3.25 -7.86
CA ASP A 554 12.08 -2.91 -9.27
C ASP A 554 13.21 -1.89 -9.45
N ASN A 555 13.86 -1.93 -10.60
CA ASN A 555 14.85 -0.91 -10.98
C ASN A 555 14.30 0.03 -12.05
N GLY A 556 13.01 -0.13 -12.36
CA GLY A 556 12.37 0.61 -13.44
C GLY A 556 11.96 -0.28 -14.61
N ASP A 557 12.72 -1.35 -14.84
CA ASP A 557 12.45 -2.27 -15.95
C ASP A 557 11.04 -2.84 -15.96
N ILE A 558 10.55 -3.26 -14.80
CA ILE A 558 9.25 -3.93 -14.74
C ILE A 558 8.10 -2.96 -14.95
N LEU A 559 8.11 -1.83 -14.24
CA LEU A 559 7.06 -0.83 -14.44
C LEU A 559 7.08 -0.22 -15.84
N ASN A 560 8.28 -0.06 -16.41
CA ASN A 560 8.42 0.37 -17.81
C ASN A 560 7.69 -0.61 -18.74
N ALA A 561 7.99 -1.90 -18.57
CA ALA A 561 7.40 -2.96 -19.37
C ALA A 561 5.88 -3.06 -19.18
N MET A 562 5.42 -2.78 -17.96
CA MET A 562 3.98 -2.70 -17.68
C MET A 562 3.29 -1.65 -18.56
N HIS A 563 3.89 -0.46 -18.65
CA HIS A 563 3.34 0.61 -19.49
C HIS A 563 3.46 0.29 -20.98
N GLU A 564 4.62 -0.25 -21.37
CA GLU A 564 4.86 -0.58 -22.78
C GLU A 564 3.98 -1.74 -23.26
N GLY A 565 3.66 -2.67 -22.34
CA GLY A 565 2.74 -3.76 -22.62
C GLY A 565 1.30 -3.30 -22.81
N MET A 566 0.93 -2.23 -22.12
CA MET A 566 -0.42 -1.65 -22.21
C MET A 566 -0.53 -0.56 -23.27
N ALA A 567 0.55 -0.37 -24.04
CA ALA A 567 0.59 0.66 -25.08
C ALA A 567 0.06 0.13 -26.41
#